data_6P2S
#
_entry.id   6P2S
#
_cell.length_a   50.550
_cell.length_b   80.910
_cell.length_c   108.710
_cell.angle_alpha   90.00
_cell.angle_beta   90.00
_cell.angle_gamma   90.00
#
_symmetry.space_group_name_H-M   'P 21 21 21'
#
loop_
_entity.id
_entity.type
_entity.pdbx_description
1 polymer 'MHC class I antigen'
2 polymer Beta-2-microglobulin
3 polymer 'MHC I-peptide'
4 water water
#
loop_
_entity_poly.entity_id
_entity_poly.type
_entity_poly.pdbx_seq_one_letter_code
_entity_poly.pdbx_strand_id
1 'polypeptide(L)'
;GSHSMRYFDTAMSRPGRGEPRFISVGYVDDTQFVRFDSDAASPREEPRAPWIEQEGPEYWDRNTQIFKTNTQTDRCSLRN
LRGYYNQSEAGSHTLQSMYGCDVGPDGRLLRGHNQYAYDGKDYIALNEDLRSWTAADTAAQITQRKWEAARVAEQDRAYL
EGTCVEWLRRYLENGKDTLERADPPKTHVTHHPISDHEATLRCWALGFYPAEITLTWQRDGEDQTQDTELVETRPAGDRT
FQKWAAVVVPSGEEQRYTCHVQHEGLPKPLTLRWEP
;
A
2 'polypeptide(L)'
;MIQRTPKIQVYSRHPAENGKSNFLNCYVSGFHPSDIEVDLLKNGERIEKVEHSDLSFSKDWSFYLLYYTEFTPTEKDEYA
CRVNHVTLSQPKIVKWDRDM
;
B
3 'polypeptide(L)' R(MAA)AAAKKKYCL C
#
# COMPACT_ATOMS: atom_id res chain seq x y z
N GLY A 1 0.10 -15.04 14.99
CA GLY A 1 -1.22 -14.32 15.04
C GLY A 1 -1.96 -14.51 13.71
N SER A 2 -2.78 -13.56 13.37
CA SER A 2 -3.63 -13.68 12.18
C SER A 2 -2.78 -13.22 10.94
N HIS A 3 -3.23 -13.72 9.77
CA HIS A 3 -2.52 -13.40 8.53
C HIS A 3 -3.52 -13.21 7.39
N SER A 4 -3.06 -12.47 6.40
CA SER A 4 -3.93 -12.27 5.20
C SER A 4 -3.10 -12.53 3.93
N MET A 5 -3.78 -13.01 2.90
CA MET A 5 -3.22 -12.98 1.57
C MET A 5 -4.15 -12.11 0.72
N ARG A 6 -3.58 -11.15 -0.01
CA ARG A 6 -4.43 -10.33 -0.84
C ARG A 6 -3.73 -9.93 -2.17
N TYR A 7 -4.51 -9.94 -3.24
CA TYR A 7 -4.07 -9.43 -4.53
C TYR A 7 -4.71 -8.12 -4.78
N PHE A 8 -3.94 -7.19 -5.31
CA PHE A 8 -4.42 -5.82 -5.60
C PHE A 8 -4.16 -5.63 -7.09
N ASP A 9 -5.21 -5.56 -7.84
CA ASP A 9 -5.10 -5.44 -9.35
C ASP A 9 -5.62 -4.09 -9.80
N THR A 10 -4.89 -3.51 -10.76
CA THR A 10 -5.24 -2.18 -11.33
C THR A 10 -5.28 -2.33 -12.82
N ALA A 11 -6.37 -1.94 -13.49
CA ALA A 11 -6.35 -1.95 -14.98
C ALA A 11 -6.73 -0.47 -15.35
N MET A 12 -5.99 0.07 -16.27
CA MET A 12 -6.28 1.48 -16.59
C MET A 12 -6.25 1.67 -18.07
N SER A 13 -7.36 2.17 -18.62
CA SER A 13 -7.35 2.52 -20.05
C SER A 13 -6.55 3.77 -20.36
N ARG A 14 -6.17 3.89 -21.65
CA ARG A 14 -5.26 4.96 -22.11
C ARG A 14 -5.52 5.14 -23.62
N PRO A 15 -6.67 5.66 -24.01
CA PRO A 15 -7.08 5.62 -25.42
C PRO A 15 -6.01 6.38 -26.27
N GLY A 16 -5.71 5.80 -27.32
CA GLY A 16 -4.63 6.40 -28.22
C GLY A 16 -3.26 5.92 -27.82
N ARG A 17 -3.11 5.12 -26.74
CA ARG A 17 -1.80 4.73 -26.19
C ARG A 17 -1.78 3.23 -25.93
N GLY A 18 -2.43 2.49 -26.78
CA GLY A 18 -2.48 1.03 -26.68
C GLY A 18 -3.64 0.50 -25.80
N GLU A 19 -3.57 -0.80 -25.52
CA GLU A 19 -4.63 -1.42 -24.69
C GLU A 19 -4.38 -1.06 -23.22
N PRO A 20 -5.46 -1.32 -22.37
CA PRO A 20 -5.29 -0.94 -20.98
C PRO A 20 -4.15 -1.75 -20.26
N ARG A 21 -3.40 -1.06 -19.46
CA ARG A 21 -2.35 -1.74 -18.65
C ARG A 21 -3.07 -2.51 -17.55
N PHE A 22 -2.60 -3.72 -17.30
CA PHE A 22 -3.08 -4.51 -16.12
C PHE A 22 -1.89 -4.82 -15.25
N ILE A 23 -1.95 -4.42 -13.93
CA ILE A 23 -0.88 -4.90 -13.00
C ILE A 23 -1.55 -5.61 -11.83
N SER A 24 -0.95 -6.67 -11.38
CA SER A 24 -1.55 -7.39 -10.24
C SER A 24 -0.39 -7.64 -9.29
N VAL A 25 -0.57 -7.34 -8.03
CA VAL A 25 0.50 -7.55 -7.06
C VAL A 25 -0.10 -8.34 -5.86
N GLY A 26 0.58 -9.41 -5.49
CA GLY A 26 0.10 -10.20 -4.33
C GLY A 26 0.95 -10.00 -3.14
N TYR A 27 0.27 -9.95 -1.97
CA TYR A 27 0.88 -9.73 -0.64
C TYR A 27 0.48 -10.83 0.33
N VAL A 28 1.40 -11.22 1.19
CA VAL A 28 1.00 -11.90 2.44
C VAL A 28 1.30 -10.81 3.51
N ASP A 29 0.25 -10.44 4.27
CA ASP A 29 0.35 -9.30 5.20
C ASP A 29 0.98 -8.16 4.42
N ASP A 30 2.07 -7.55 4.93
CA ASP A 30 2.68 -6.40 4.24
C ASP A 30 3.90 -6.75 3.46
N THR A 31 3.99 -7.99 3.03
CA THR A 31 5.11 -8.49 2.24
C THR A 31 4.59 -8.83 0.79
N GLN A 32 5.13 -8.06 -0.21
CA GLN A 32 4.80 -8.42 -1.61
C GLN A 32 5.51 -9.71 -2.01
N PHE A 33 4.86 -10.66 -2.65
CA PHE A 33 5.52 -11.88 -3.09
C PHE A 33 5.39 -12.15 -4.58
N VAL A 34 4.53 -11.43 -5.27
CA VAL A 34 4.42 -11.66 -6.72
C VAL A 34 4.02 -10.38 -7.41
N ARG A 35 4.49 -10.17 -8.64
CA ARG A 35 3.89 -9.06 -9.45
C ARG A 35 3.71 -9.57 -10.85
N PHE A 36 2.63 -9.12 -11.46
CA PHE A 36 2.46 -9.30 -12.91
C PHE A 36 2.12 -7.97 -13.52
N ASP A 37 2.85 -7.53 -14.59
CA ASP A 37 2.54 -6.24 -15.16
C ASP A 37 2.41 -6.53 -16.72
N SER A 38 1.29 -6.19 -17.30
CA SER A 38 1.12 -6.52 -18.75
C SER A 38 2.10 -5.66 -19.56
N ASP A 39 2.58 -4.52 -18.99
CA ASP A 39 3.55 -3.69 -19.78
C ASP A 39 5.03 -4.20 -19.61
N ALA A 40 5.25 -5.27 -18.79
CA ALA A 40 6.64 -5.81 -18.65
C ALA A 40 7.09 -6.51 -19.96
N ALA A 41 8.40 -6.48 -20.27
CA ALA A 41 8.83 -6.83 -21.63
C ALA A 41 8.40 -8.26 -22.00
N SER A 42 8.62 -9.18 -21.09
CA SER A 42 8.01 -10.48 -21.23
C SER A 42 7.16 -10.69 -19.97
N PRO A 43 5.83 -10.38 -20.04
CA PRO A 43 4.91 -10.63 -18.91
C PRO A 43 4.96 -12.09 -18.38
N ARG A 44 5.28 -12.19 -17.08
CA ARG A 44 5.37 -13.49 -16.43
C ARG A 44 5.00 -13.23 -14.98
N GLU A 45 4.43 -14.23 -14.30
CA GLU A 45 4.44 -14.21 -12.79
C GLU A 45 5.89 -14.04 -12.28
N GLU A 46 6.18 -12.87 -11.67
CA GLU A 46 7.54 -12.54 -11.20
C GLU A 46 7.65 -12.54 -9.65
N PRO A 47 8.53 -13.44 -9.10
CA PRO A 47 8.75 -13.56 -7.63
C PRO A 47 9.28 -12.27 -7.08
N ARG A 48 8.76 -11.87 -5.92
CA ARG A 48 9.19 -10.65 -5.22
C ARG A 48 9.62 -11.10 -3.82
N ALA A 49 9.58 -12.43 -3.60
CA ALA A 49 9.86 -13.04 -2.34
C ALA A 49 10.73 -14.34 -2.51
N PRO A 50 11.83 -14.44 -1.73
CA PRO A 50 12.74 -15.60 -1.90
C PRO A 50 12.04 -16.91 -1.59
N TRP A 51 11.10 -16.92 -0.63
CA TRP A 51 10.32 -18.14 -0.30
C TRP A 51 9.37 -18.60 -1.31
N ILE A 52 9.15 -17.79 -2.37
CA ILE A 52 8.25 -18.20 -3.47
C ILE A 52 9.05 -18.88 -4.57
N GLU A 53 10.34 -18.49 -4.65
CA GLU A 53 11.29 -18.97 -5.66
C GLU A 53 11.40 -20.47 -5.53
N GLN A 54 11.00 -20.95 -4.35
CA GLN A 54 11.02 -22.35 -3.96
C GLN A 54 9.98 -23.18 -4.67
N GLU A 55 8.93 -22.52 -5.19
CA GLU A 55 7.88 -23.22 -5.93
C GLU A 55 8.42 -23.55 -7.30
N GLY A 56 7.98 -24.67 -7.83
CA GLY A 56 8.51 -25.16 -9.10
C GLY A 56 8.05 -24.36 -10.31
N PRO A 57 8.64 -24.63 -11.48
CA PRO A 57 8.22 -23.95 -12.69
C PRO A 57 6.70 -24.14 -13.04
N GLU A 58 6.05 -25.22 -12.57
CA GLU A 58 4.66 -25.47 -12.88
C GLU A 58 3.75 -24.50 -12.16
N TYR A 59 4.13 -24.15 -10.94
CA TYR A 59 3.41 -23.10 -10.17
C TYR A 59 3.50 -21.79 -10.93
N TRP A 60 4.71 -21.40 -11.35
CA TRP A 60 4.92 -20.16 -12.08
C TRP A 60 4.10 -20.13 -13.31
N ASP A 61 4.24 -21.18 -14.11
CA ASP A 61 3.50 -21.22 -15.38
C ASP A 61 1.96 -21.13 -15.16
N ARG A 62 1.42 -21.87 -14.18
CA ARG A 62 -0.02 -21.91 -13.90
C ARG A 62 -0.51 -20.45 -13.57
N ASN A 63 0.26 -19.80 -12.69
CA ASN A 63 -0.17 -18.43 -12.29
C ASN A 63 0.03 -17.49 -13.44
N THR A 64 1.14 -17.65 -14.20
CA THR A 64 1.35 -16.78 -15.35
C THR A 64 0.14 -16.82 -16.29
N GLN A 65 -0.38 -18.00 -16.58
CA GLN A 65 -1.48 -18.12 -17.45
C GLN A 65 -2.77 -17.47 -16.85
N ILE A 66 -2.93 -17.56 -15.53
CA ILE A 66 -4.11 -16.96 -14.90
C ILE A 66 -3.96 -15.44 -15.08
N PHE A 67 -2.78 -14.91 -14.84
CA PHE A 67 -2.60 -13.39 -14.98
C PHE A 67 -2.83 -12.94 -16.41
N LYS A 68 -2.33 -13.69 -17.44
CA LYS A 68 -2.53 -13.29 -18.81
C LYS A 68 -4.02 -13.28 -19.15
N THR A 69 -4.78 -14.28 -18.68
CA THR A 69 -6.18 -14.36 -18.95
C THR A 69 -6.91 -13.23 -18.17
N ASN A 70 -6.44 -13.00 -16.96
CA ASN A 70 -6.99 -11.85 -16.19
C ASN A 70 -6.76 -10.50 -16.89
N THR A 71 -5.64 -10.24 -17.52
CA THR A 71 -5.43 -9.04 -18.30
C THR A 71 -6.51 -8.85 -19.33
N GLN A 72 -6.85 -9.94 -20.08
CA GLN A 72 -7.95 -9.84 -21.11
C GLN A 72 -9.30 -9.64 -20.44
N THR A 73 -9.55 -10.30 -19.31
CA THR A 73 -10.81 -10.17 -18.62
C THR A 73 -10.99 -8.73 -18.14
N ASP A 74 -9.99 -8.22 -17.50
CA ASP A 74 -10.08 -6.76 -17.04
C ASP A 74 -10.28 -5.84 -18.25
N ARG A 75 -9.65 -6.13 -19.39
CA ARG A 75 -9.97 -5.22 -20.58
C ARG A 75 -11.42 -5.34 -21.01
N CYS A 76 -11.95 -6.56 -21.07
CA CYS A 76 -13.41 -6.81 -21.27
C CYS A 76 -14.21 -5.95 -20.29
N SER A 77 -13.81 -6.01 -19.00
CA SER A 77 -14.58 -5.37 -17.95
C SER A 77 -14.54 -3.84 -18.24
N LEU A 78 -13.37 -3.34 -18.61
CA LEU A 78 -13.31 -1.85 -18.78
C LEU A 78 -14.20 -1.43 -19.98
N ARG A 79 -14.23 -2.26 -21.02
CA ARG A 79 -15.12 -1.89 -22.15
C ARG A 79 -16.58 -1.93 -21.72
N ASN A 80 -16.95 -2.96 -20.95
CA ASN A 80 -18.37 -3.03 -20.51
C ASN A 80 -18.70 -1.83 -19.60
N LEU A 81 -17.81 -1.49 -18.69
CA LEU A 81 -18.06 -0.35 -17.75
C LEU A 81 -18.20 0.93 -18.46
N ARG A 82 -17.36 1.20 -19.46
CA ARG A 82 -17.49 2.46 -20.19
C ARG A 82 -18.94 2.56 -20.72
N GLY A 83 -19.46 1.47 -21.26
CA GLY A 83 -20.82 1.47 -21.78
C GLY A 83 -21.88 1.58 -20.69
N TYR A 84 -21.65 0.93 -19.51
CA TYR A 84 -22.65 1.03 -18.46
C TYR A 84 -22.79 2.44 -17.99
N TYR A 85 -21.72 3.23 -18.09
CA TYR A 85 -21.78 4.63 -17.58
C TYR A 85 -21.87 5.60 -18.76
N ASN A 86 -22.16 5.15 -19.93
CA ASN A 86 -22.38 5.98 -21.16
C ASN A 86 -21.20 6.88 -21.43
N GLN A 87 -20.00 6.40 -21.14
CA GLN A 87 -18.82 7.22 -21.25
C GLN A 87 -18.24 7.18 -22.68
N SER A 88 -17.53 8.22 -23.00
CA SER A 88 -16.97 8.20 -24.33
C SER A 88 -15.67 7.40 -24.37
N GLU A 89 -15.31 7.00 -25.59
CA GLU A 89 -14.04 6.29 -25.83
C GLU A 89 -12.82 7.18 -25.67
N ALA A 90 -12.98 8.46 -25.39
CA ALA A 90 -11.79 9.34 -25.27
C ALA A 90 -11.10 9.38 -23.91
N GLY A 91 -11.82 9.01 -22.85
CA GLY A 91 -11.25 9.25 -21.53
C GLY A 91 -10.54 8.00 -20.95
N SER A 92 -9.60 8.25 -20.05
CA SER A 92 -8.95 7.15 -19.29
C SER A 92 -9.80 6.78 -18.09
N HIS A 93 -9.94 5.49 -17.85
CA HIS A 93 -10.67 4.99 -16.66
C HIS A 93 -9.88 3.88 -15.97
N THR A 94 -10.24 3.62 -14.72
CA THR A 94 -9.44 2.73 -13.91
C THR A 94 -10.40 1.74 -13.24
N LEU A 95 -10.09 0.46 -13.40
CA LEU A 95 -10.81 -0.58 -12.61
C LEU A 95 -9.82 -1.23 -11.65
N GLN A 96 -10.21 -1.30 -10.36
CA GLN A 96 -9.34 -1.85 -9.35
C GLN A 96 -10.07 -3.08 -8.72
N SER A 97 -9.30 -4.06 -8.27
CA SER A 97 -9.93 -5.12 -7.50
C SER A 97 -9.00 -5.56 -6.42
N MET A 98 -9.63 -6.05 -5.32
CA MET A 98 -8.81 -6.65 -4.21
C MET A 98 -9.51 -7.99 -3.87
N TYR A 99 -8.76 -9.06 -3.82
CA TYR A 99 -9.37 -10.36 -3.39
C TYR A 99 -8.35 -11.16 -2.61
N GLY A 100 -8.86 -12.11 -1.81
CA GLY A 100 -7.99 -12.90 -0.94
C GLY A 100 -8.67 -13.23 0.37
N CYS A 101 -7.88 -13.78 1.28
CA CYS A 101 -8.48 -14.41 2.52
C CYS A 101 -7.70 -13.97 3.72
N ASP A 102 -8.35 -14.04 4.88
CA ASP A 102 -7.69 -13.76 6.15
C ASP A 102 -7.85 -15.06 6.95
N VAL A 103 -6.75 -15.45 7.65
CA VAL A 103 -6.80 -16.62 8.52
C VAL A 103 -6.33 -16.28 9.95
N GLY A 104 -6.85 -17.09 10.89
CA GLY A 104 -6.39 -16.83 12.27
C GLY A 104 -5.09 -17.58 12.55
N PRO A 105 -4.68 -17.56 13.87
CA PRO A 105 -3.44 -18.21 14.31
C PRO A 105 -3.49 -19.73 13.90
N ASP A 106 -4.61 -20.38 14.09
CA ASP A 106 -4.73 -21.81 13.65
C ASP A 106 -4.83 -22.04 12.17
N GLY A 107 -4.82 -20.97 11.34
CA GLY A 107 -4.88 -21.26 9.89
C GLY A 107 -6.31 -21.41 9.38
N ARG A 108 -7.35 -21.19 10.25
CA ARG A 108 -8.69 -21.39 9.77
C ARG A 108 -9.16 -20.07 9.13
N LEU A 109 -10.01 -20.15 8.17
CA LEU A 109 -10.59 -18.97 7.50
C LEU A 109 -11.28 -18.01 8.43
N LEU A 110 -10.93 -16.77 8.42
CA LEU A 110 -11.58 -15.76 9.13
C LEU A 110 -12.62 -15.13 8.21
N ARG A 111 -12.20 -14.76 6.97
CA ARG A 111 -13.16 -14.19 6.04
C ARG A 111 -12.47 -14.08 4.67
N GLY A 112 -13.29 -14.05 3.68
CA GLY A 112 -12.80 -13.91 2.25
C GLY A 112 -13.21 -12.51 1.75
N HIS A 113 -12.58 -12.10 0.65
CA HIS A 113 -12.80 -10.75 0.07
C HIS A 113 -12.70 -10.89 -1.42
N ASN A 114 -13.62 -10.22 -2.13
CA ASN A 114 -13.52 -9.99 -3.56
C ASN A 114 -14.32 -8.79 -3.90
N GLN A 115 -13.63 -7.66 -4.20
CA GLN A 115 -14.33 -6.52 -4.50
C GLN A 115 -13.66 -5.60 -5.48
N TYR A 116 -14.45 -4.68 -6.01
CA TYR A 116 -14.02 -3.87 -7.23
C TYR A 116 -14.41 -2.44 -7.01
N ALA A 117 -13.62 -1.53 -7.62
CA ALA A 117 -13.91 -0.17 -7.68
C ALA A 117 -13.66 0.33 -9.13
N TYR A 118 -14.45 1.31 -9.51
CA TYR A 118 -14.33 1.92 -10.86
C TYR A 118 -14.15 3.40 -10.64
N ASP A 119 -13.11 3.93 -11.29
CA ASP A 119 -12.78 5.33 -11.09
C ASP A 119 -12.73 5.81 -9.62
N GLY A 120 -12.21 4.96 -8.80
CA GLY A 120 -11.95 5.25 -7.39
C GLY A 120 -13.21 5.07 -6.48
N LYS A 121 -14.31 4.60 -7.03
CA LYS A 121 -15.53 4.46 -6.23
C LYS A 121 -15.85 2.99 -6.16
N ASP A 122 -16.35 2.58 -4.98
CA ASP A 122 -16.77 1.13 -4.90
C ASP A 122 -17.78 0.86 -5.89
N TYR A 123 -17.67 -0.39 -6.50
CA TYR A 123 -18.55 -0.75 -7.60
C TYR A 123 -19.36 -2.02 -7.25
N ILE A 124 -18.69 -3.11 -6.95
CA ILE A 124 -19.41 -4.36 -6.45
C ILE A 124 -18.51 -5.10 -5.54
N ALA A 125 -19.13 -5.80 -4.56
CA ALA A 125 -18.29 -6.57 -3.60
C ALA A 125 -19.04 -7.87 -3.25
N LEU A 126 -18.26 -8.94 -3.18
CA LEU A 126 -18.81 -10.14 -2.66
C LEU A 126 -19.04 -9.93 -1.14
N ASN A 127 -20.26 -10.20 -0.68
CA ASN A 127 -20.55 -10.17 0.74
C ASN A 127 -19.79 -11.18 1.60
N GLU A 128 -19.71 -10.93 2.88
CA GLU A 128 -18.90 -11.79 3.81
C GLU A 128 -19.44 -13.25 3.75
N ASP A 129 -20.73 -13.37 3.39
CA ASP A 129 -21.27 -14.77 3.21
C ASP A 129 -20.73 -15.52 2.11
N LEU A 130 -19.97 -14.85 1.19
CA LEU A 130 -19.47 -15.51 0.03
C LEU A 130 -20.52 -16.09 -0.87
N ARG A 131 -21.75 -15.60 -0.80
CA ARG A 131 -22.83 -16.14 -1.65
C ARG A 131 -23.58 -15.00 -2.46
N SER A 132 -23.54 -13.78 -1.93
CA SER A 132 -24.37 -12.70 -2.56
C SER A 132 -23.46 -11.49 -2.79
N TRP A 133 -23.99 -10.55 -3.52
CA TRP A 133 -23.19 -9.32 -3.96
C TRP A 133 -23.84 -8.08 -3.41
N THR A 134 -23.04 -7.06 -3.19
CA THR A 134 -23.55 -5.70 -2.92
C THR A 134 -23.07 -4.83 -4.13
N ALA A 135 -24.06 -4.32 -4.84
CA ALA A 135 -23.83 -3.43 -6.02
C ALA A 135 -24.06 -1.95 -5.62
N ALA A 136 -23.15 -1.09 -6.05
CA ALA A 136 -23.20 0.35 -5.62
C ALA A 136 -24.26 1.14 -6.37
N ASP A 137 -24.64 0.76 -7.54
CA ASP A 137 -25.49 1.64 -8.40
C ASP A 137 -26.08 0.77 -9.50
N THR A 138 -26.89 1.38 -10.37
CA THR A 138 -27.58 0.52 -11.38
C THR A 138 -26.65 -0.11 -12.36
N ALA A 139 -25.47 0.51 -12.61
CA ALA A 139 -24.49 -0.19 -13.48
C ALA A 139 -24.00 -1.44 -12.81
N ALA A 140 -23.65 -1.38 -11.53
CA ALA A 140 -23.13 -2.61 -10.87
C ALA A 140 -24.26 -3.67 -10.72
N GLN A 141 -25.55 -3.20 -10.75
CA GLN A 141 -26.63 -4.16 -10.75
C GLN A 141 -26.63 -4.98 -11.99
N ILE A 142 -26.15 -4.44 -13.11
CA ILE A 142 -26.04 -5.26 -14.33
C ILE A 142 -25.00 -6.32 -14.13
N THR A 143 -23.84 -5.96 -13.60
CA THR A 143 -22.80 -7.02 -13.33
C THR A 143 -23.36 -8.04 -12.35
N GLN A 144 -24.07 -7.53 -11.33
CA GLN A 144 -24.61 -8.50 -10.27
C GLN A 144 -25.55 -9.52 -10.97
N ARG A 145 -26.46 -9.02 -11.82
CA ARG A 145 -27.30 -9.94 -12.57
C ARG A 145 -26.59 -10.87 -13.38
N LYS A 146 -25.54 -10.42 -14.08
CA LYS A 146 -24.75 -11.37 -14.92
C LYS A 146 -24.07 -12.40 -14.07
N TRP A 147 -23.52 -12.00 -12.91
CA TRP A 147 -22.75 -12.91 -12.11
C TRP A 147 -23.71 -13.90 -11.34
N GLU A 148 -24.86 -13.44 -11.04
CA GLU A 148 -25.89 -14.33 -10.38
C GLU A 148 -26.30 -15.38 -11.44
N ALA A 149 -26.59 -14.93 -12.67
CA ALA A 149 -26.94 -15.98 -13.75
C ALA A 149 -25.90 -16.95 -13.97
N ALA A 150 -24.62 -16.56 -13.95
CA ALA A 150 -23.53 -17.44 -14.22
C ALA A 150 -22.94 -18.17 -12.96
N ARG A 151 -23.53 -17.92 -11.75
CA ARG A 151 -23.10 -18.57 -10.51
C ARG A 151 -21.58 -18.34 -10.27
N VAL A 152 -21.18 -17.09 -10.53
CA VAL A 152 -19.83 -16.65 -10.22
C VAL A 152 -19.48 -16.74 -8.76
N ALA A 153 -20.41 -16.32 -7.85
CA ALA A 153 -20.10 -16.33 -6.44
C ALA A 153 -19.66 -17.68 -5.95
N GLU A 154 -20.25 -18.78 -6.54
CA GLU A 154 -19.82 -20.09 -6.13
C GLU A 154 -18.39 -20.41 -6.45
N GLN A 155 -17.94 -20.04 -7.63
CA GLN A 155 -16.52 -20.16 -8.00
C GLN A 155 -15.64 -19.34 -7.13
N ASP A 156 -16.07 -18.06 -6.81
CA ASP A 156 -15.30 -17.33 -5.89
C ASP A 156 -15.20 -17.93 -4.51
N ARG A 157 -16.32 -18.39 -3.97
CA ARG A 157 -16.32 -19.04 -2.67
C ARG A 157 -15.38 -20.20 -2.63
N ALA A 158 -15.45 -21.02 -3.67
CA ALA A 158 -14.57 -22.21 -3.70
C ALA A 158 -13.08 -21.80 -3.67
N TYR A 159 -12.70 -20.74 -4.43
CA TYR A 159 -11.33 -20.20 -4.37
C TYR A 159 -11.02 -19.72 -2.99
N LEU A 160 -11.89 -18.91 -2.38
CA LEU A 160 -11.55 -18.29 -1.13
C LEU A 160 -11.46 -19.25 0.03
N GLU A 161 -12.36 -20.23 0.09
CA GLU A 161 -12.34 -21.25 1.16
C GLU A 161 -11.36 -22.38 0.93
N GLY A 162 -10.92 -22.58 -0.29
CA GLY A 162 -10.04 -23.66 -0.65
C GLY A 162 -8.62 -23.15 -1.02
N THR A 163 -8.45 -22.88 -2.29
CA THR A 163 -7.19 -22.48 -2.87
C THR A 163 -6.47 -21.43 -2.09
N CYS A 164 -7.20 -20.37 -1.81
CA CYS A 164 -6.59 -19.18 -1.12
C CYS A 164 -6.08 -19.60 0.25
N VAL A 165 -6.91 -20.28 1.08
CA VAL A 165 -6.48 -20.60 2.42
C VAL A 165 -5.32 -21.62 2.34
N GLU A 166 -5.44 -22.57 1.45
CA GLU A 166 -4.39 -23.64 1.34
C GLU A 166 -3.04 -23.07 0.96
N TRP A 167 -3.03 -22.09 0.04
CA TRP A 167 -1.75 -21.47 -0.35
C TRP A 167 -1.19 -20.54 0.67
N LEU A 168 -2.09 -19.79 1.37
CA LEU A 168 -1.62 -18.92 2.42
C LEU A 168 -0.89 -19.78 3.51
N ARG A 169 -1.51 -20.93 3.88
CA ARG A 169 -0.91 -21.76 4.91
C ARG A 169 0.48 -22.25 4.43
N ARG A 170 0.56 -22.67 3.19
CA ARG A 170 1.82 -23.10 2.61
C ARG A 170 2.89 -21.99 2.53
N TYR A 171 2.49 -20.78 2.09
CA TYR A 171 3.42 -19.66 2.11
C TYR A 171 3.91 -19.31 3.54
N LEU A 172 2.99 -19.32 4.51
CA LEU A 172 3.37 -19.05 5.91
C LEU A 172 4.40 -20.03 6.42
N GLU A 173 4.28 -21.27 5.99
CA GLU A 173 5.27 -22.32 6.44
C GLU A 173 6.59 -22.14 5.71
N ASN A 174 6.60 -22.01 4.40
CA ASN A 174 7.84 -21.82 3.67
C ASN A 174 8.53 -20.49 4.02
N GLY A 175 7.74 -19.51 4.45
CA GLY A 175 8.29 -18.18 4.77
C GLY A 175 8.37 -17.87 6.26
N LYS A 176 8.30 -18.88 7.10
CA LYS A 176 8.03 -18.69 8.52
C LYS A 176 9.07 -17.79 9.21
N ASP A 177 10.31 -17.80 8.71
CA ASP A 177 11.37 -16.98 9.39
C ASP A 177 11.16 -15.52 9.19
N THR A 178 10.34 -15.10 8.20
CA THR A 178 10.06 -13.73 7.95
C THR A 178 8.59 -13.37 8.09
N LEU A 179 7.70 -14.17 7.49
CA LEU A 179 6.29 -13.89 7.54
C LEU A 179 5.70 -13.96 8.95
N GLU A 180 6.27 -14.87 9.75
CA GLU A 180 5.74 -15.06 11.10
C GLU A 180 6.60 -14.32 12.15
N ARG A 181 7.49 -13.44 11.70
CA ARG A 181 8.33 -12.74 12.67
C ARG A 181 7.84 -11.25 12.64
N ALA A 182 7.43 -10.78 13.80
CA ALA A 182 7.06 -9.36 13.99
C ALA A 182 8.27 -8.66 14.55
N ASP A 183 8.71 -7.60 13.90
CA ASP A 183 9.81 -6.79 14.36
C ASP A 183 9.26 -5.50 15.10
N PRO A 184 9.61 -5.40 16.37
CA PRO A 184 9.10 -4.22 17.13
C PRO A 184 9.71 -3.01 16.67
N PRO A 185 8.98 -1.82 16.90
CA PRO A 185 9.54 -0.57 16.59
C PRO A 185 10.68 -0.14 17.54
N LYS A 186 11.68 0.50 16.97
CA LYS A 186 12.72 1.21 17.75
C LYS A 186 12.09 2.59 17.93
N THR A 187 12.04 3.08 19.20
CA THR A 187 11.27 4.27 19.48
C THR A 187 12.12 5.30 20.15
N HIS A 188 11.78 6.54 19.92
CA HIS A 188 12.44 7.65 20.62
C HIS A 188 11.60 8.87 20.49
N VAL A 189 11.80 9.82 21.42
CA VAL A 189 11.07 11.09 21.34
C VAL A 189 12.09 12.18 21.04
N THR A 190 11.74 13.07 20.17
CA THR A 190 12.56 14.24 19.85
C THR A 190 11.82 15.51 20.18
N HIS A 191 12.63 16.54 20.34
CA HIS A 191 12.06 17.87 20.82
C HIS A 191 12.58 18.92 19.93
N HIS A 192 11.69 19.78 19.43
CA HIS A 192 12.06 20.80 18.48
C HIS A 192 11.32 22.06 18.95
N PRO A 193 12.04 23.00 19.61
CA PRO A 193 11.38 24.31 19.84
C PRO A 193 10.80 24.96 18.58
N ILE A 194 9.64 25.54 18.67
CA ILE A 194 8.96 26.30 17.68
C ILE A 194 9.21 27.82 18.00
N SER A 195 9.02 28.14 19.26
CA SER A 195 9.11 29.58 19.76
C SER A 195 9.53 29.52 21.18
N ASP A 196 9.60 30.69 21.83
CA ASP A 196 9.76 30.66 23.29
C ASP A 196 8.58 30.00 24.00
N HIS A 197 7.40 30.04 23.41
CA HIS A 197 6.17 29.65 24.16
C HIS A 197 5.84 28.12 23.97
N GLU A 198 6.30 27.56 22.86
CA GLU A 198 5.95 26.12 22.49
C GLU A 198 7.06 25.38 21.83
N ALA A 199 6.95 24.02 21.87
CA ALA A 199 7.95 23.20 21.20
C ALA A 199 7.17 21.96 20.66
N THR A 200 7.80 21.27 19.71
CA THR A 200 7.14 20.01 19.19
C THR A 200 7.83 18.89 19.90
N LEU A 201 7.04 17.94 20.39
CA LEU A 201 7.53 16.62 20.70
C LEU A 201 7.13 15.68 19.58
N ARG A 202 8.12 14.89 19.13
CA ARG A 202 7.75 13.95 17.98
C ARG A 202 8.14 12.57 18.52
N CYS A 203 7.17 11.63 18.43
CA CYS A 203 7.38 10.33 18.93
C CYS A 203 7.58 9.38 17.63
N TRP A 204 8.72 8.72 17.61
CA TRP A 204 9.15 7.97 16.38
C TRP A 204 9.07 6.54 16.62
N ALA A 205 8.61 5.80 15.57
CA ALA A 205 8.65 4.33 15.61
C ALA A 205 9.30 3.91 14.31
N LEU A 206 10.46 3.19 14.40
CA LEU A 206 11.22 2.86 13.20
C LEU A 206 11.47 1.36 13.15
N GLY A 207 11.54 0.82 11.95
CA GLY A 207 12.09 -0.56 11.79
C GLY A 207 11.09 -1.65 12.19
N PHE A 208 9.78 -1.38 12.09
CA PHE A 208 8.80 -2.32 12.54
C PHE A 208 8.10 -3.08 11.38
N TYR A 209 7.54 -4.25 11.70
CA TYR A 209 6.82 -5.12 10.74
C TYR A 209 5.95 -6.03 11.59
N PRO A 210 4.71 -6.12 11.29
CA PRO A 210 4.04 -5.53 10.16
C PRO A 210 3.71 -4.08 10.30
N ALA A 211 2.97 -3.56 9.33
CA ALA A 211 2.82 -2.04 9.30
C ALA A 211 1.85 -1.60 10.33
N GLU A 212 0.86 -2.39 10.71
CA GLU A 212 -0.11 -1.97 11.78
C GLU A 212 0.55 -1.57 13.09
N ILE A 213 0.23 -0.31 13.57
CA ILE A 213 0.86 0.11 14.80
C ILE A 213 -0.11 1.23 15.31
N THR A 214 0.03 1.53 16.60
CA THR A 214 -0.77 2.68 17.16
C THR A 214 0.23 3.49 17.96
N LEU A 215 0.29 4.77 17.61
CA LEU A 215 1.10 5.76 18.27
C LEU A 215 0.18 6.86 18.77
N THR A 216 0.20 7.14 20.09
CA THR A 216 -0.66 8.21 20.53
C THR A 216 0.09 9.04 21.53
N TRP A 217 -0.35 10.37 21.65
CA TRP A 217 0.21 11.23 22.73
C TRP A 217 -0.93 11.46 23.74
N GLN A 218 -0.56 11.40 25.00
CA GLN A 218 -1.50 11.74 26.07
C GLN A 218 -0.90 12.99 26.84
N ARG A 219 -1.82 13.88 27.22
CA ARG A 219 -1.41 15.02 28.16
C ARG A 219 -2.13 14.67 29.43
N ASP A 220 -1.39 14.50 30.49
CA ASP A 220 -1.94 14.17 31.86
C ASP A 220 -2.90 13.02 31.65
N GLY A 221 -2.49 12.00 30.88
CA GLY A 221 -3.35 10.78 30.73
C GLY A 221 -4.51 10.90 29.75
N GLU A 222 -4.71 12.07 29.14
CA GLU A 222 -5.83 12.28 28.23
C GLU A 222 -5.32 12.25 26.80
N ASP A 223 -5.97 11.45 25.94
CA ASP A 223 -5.61 11.39 24.55
C ASP A 223 -5.76 12.70 23.84
N GLN A 224 -4.72 13.07 23.11
CA GLN A 224 -4.66 14.31 22.37
C GLN A 224 -4.93 14.11 20.89
N THR A 225 -5.99 13.36 20.61
CA THR A 225 -6.28 13.00 19.19
C THR A 225 -6.36 14.10 18.24
N GLN A 226 -7.17 15.09 18.61
CA GLN A 226 -7.38 16.20 17.80
C GLN A 226 -6.12 17.04 17.57
N ASP A 227 -5.27 17.18 18.60
CA ASP A 227 -4.09 17.97 18.50
C ASP A 227 -2.77 17.25 18.01
N THR A 228 -2.89 15.99 17.67
CA THR A 228 -1.70 15.23 17.23
C THR A 228 -1.57 15.21 15.75
N GLU A 229 -0.43 15.52 15.21
CA GLU A 229 -0.14 15.30 13.80
C GLU A 229 0.44 13.89 13.64
N LEU A 230 -0.26 13.06 12.87
CA LEU A 230 0.15 11.64 12.64
C LEU A 230 0.41 11.50 11.16
N VAL A 231 1.58 11.00 10.80
CA VAL A 231 1.96 10.90 9.46
C VAL A 231 1.51 9.49 9.00
N GLU A 232 1.25 9.32 7.73
CA GLU A 232 0.90 7.94 7.21
C GLU A 232 2.08 7.05 7.45
N THR A 233 1.79 5.79 7.88
CA THR A 233 2.82 4.80 8.03
C THR A 233 3.52 4.59 6.64
N ARG A 234 4.84 4.56 6.65
CA ARG A 234 5.59 4.61 5.40
C ARG A 234 6.61 3.53 5.35
N PRO A 235 6.93 3.01 4.11
CA PRO A 235 7.89 1.97 4.06
C PRO A 235 9.32 2.44 4.08
N ALA A 236 10.19 1.70 4.72
CA ALA A 236 11.61 2.13 4.73
C ALA A 236 12.33 1.67 3.50
N GLY A 237 11.80 0.62 2.85
CA GLY A 237 12.47 -0.06 1.63
C GLY A 237 13.29 -1.26 2.03
N ASP A 238 13.26 -1.67 3.25
CA ASP A 238 14.02 -2.90 3.71
C ASP A 238 12.99 -3.81 4.44
N ARG A 239 11.73 -3.77 4.00
CA ARG A 239 10.56 -4.57 4.53
C ARG A 239 9.90 -3.97 5.69
N THR A 240 10.60 -3.07 6.42
CA THR A 240 10.01 -2.51 7.67
C THR A 240 9.35 -1.18 7.37
N PHE A 241 8.69 -0.64 8.40
CA PHE A 241 7.91 0.58 8.29
C PHE A 241 8.33 1.58 9.33
N GLN A 242 7.94 2.86 9.10
CA GLN A 242 8.19 3.97 10.01
C GLN A 242 6.96 4.78 10.20
N LYS A 243 6.87 5.48 11.34
CA LYS A 243 5.75 6.40 11.57
C LYS A 243 6.15 7.33 12.70
N TRP A 244 5.62 8.52 12.69
CA TRP A 244 5.72 9.38 13.87
C TRP A 244 4.43 10.06 14.17
N ALA A 245 4.37 10.58 15.41
CA ALA A 245 3.20 11.37 15.89
C ALA A 245 3.82 12.60 16.64
N ALA A 246 3.25 13.74 16.37
CA ALA A 246 3.84 15.01 17.01
C ALA A 246 2.74 15.80 17.62
N VAL A 247 3.09 16.47 18.73
CA VAL A 247 2.16 17.34 19.38
C VAL A 247 2.98 18.61 19.78
N VAL A 248 2.23 19.72 19.79
CA VAL A 248 2.91 21.01 20.10
C VAL A 248 2.59 21.29 21.63
N VAL A 249 3.63 21.45 22.41
CA VAL A 249 3.56 21.39 23.87
C VAL A 249 3.97 22.84 24.34
N PRO A 250 3.29 23.33 25.33
CA PRO A 250 3.82 24.60 25.98
C PRO A 250 5.15 24.35 26.63
N SER A 251 6.10 25.30 26.43
CA SER A 251 7.42 25.18 27.04
C SER A 251 7.38 24.92 28.53
N GLY A 252 8.18 23.99 29.00
CA GLY A 252 8.18 23.57 30.40
C GLY A 252 7.18 22.55 30.82
N GLU A 253 6.23 22.16 29.94
CA GLU A 253 5.18 21.22 30.29
C GLU A 253 5.49 19.84 29.57
N GLU A 254 6.71 19.69 29.04
CA GLU A 254 7.03 18.40 28.29
C GLU A 254 6.75 17.19 29.09
N GLN A 255 7.09 17.18 30.40
CA GLN A 255 6.90 15.99 31.19
C GLN A 255 5.47 15.59 31.47
N ARG A 256 4.51 16.46 31.13
CA ARG A 256 3.12 16.09 31.23
C ARG A 256 2.64 15.25 30.05
N TYR A 257 3.52 15.08 29.04
CA TYR A 257 3.12 14.32 27.82
C TYR A 257 3.80 12.99 27.73
N THR A 258 3.01 12.01 27.33
CA THR A 258 3.54 10.63 27.19
C THR A 258 3.12 10.07 25.86
N CYS A 259 4.11 9.44 25.21
CA CYS A 259 3.78 8.76 23.89
C CYS A 259 3.55 7.23 24.11
N HIS A 260 2.48 6.73 23.57
CA HIS A 260 2.11 5.29 23.84
C HIS A 260 2.21 4.58 22.52
N VAL A 261 2.88 3.42 22.56
CA VAL A 261 3.13 2.66 21.31
C VAL A 261 2.61 1.22 21.52
N GLN A 262 1.75 0.77 20.65
CA GLN A 262 1.32 -0.63 20.65
C GLN A 262 1.74 -1.25 19.28
N HIS A 263 2.36 -2.45 19.41
CA HIS A 263 2.77 -3.14 18.19
C HIS A 263 2.84 -4.66 18.53
N GLU A 264 2.49 -5.45 17.57
CA GLU A 264 2.63 -6.94 17.85
C GLU A 264 4.00 -7.48 18.13
N GLY A 265 5.06 -6.82 17.73
CA GLY A 265 6.42 -7.16 18.04
C GLY A 265 6.90 -6.87 19.47
N LEU A 266 6.12 -6.08 20.23
CA LEU A 266 6.66 -5.61 21.50
C LEU A 266 6.20 -6.62 22.57
N PRO A 267 7.09 -6.97 23.50
CA PRO A 267 6.67 -7.81 24.66
C PRO A 267 5.54 -7.15 25.47
N LYS A 268 5.63 -5.80 25.65
CA LYS A 268 4.54 -5.05 26.26
C LYS A 268 4.48 -3.59 25.62
N PRO A 269 3.29 -2.99 25.57
CA PRO A 269 3.12 -1.49 25.17
C PRO A 269 4.13 -0.59 25.81
N LEU A 270 4.61 0.40 25.05
CA LEU A 270 5.64 1.23 25.51
C LEU A 270 4.94 2.58 25.89
N THR A 271 5.46 3.19 26.94
CA THR A 271 5.17 4.56 27.31
C THR A 271 6.49 5.26 27.32
N LEU A 272 6.66 6.36 26.57
CA LEU A 272 7.90 7.07 26.42
C LEU A 272 7.65 8.58 26.73
N ARG A 273 8.67 9.24 27.21
CA ARG A 273 8.64 10.68 27.39
C ARG A 273 9.87 11.29 26.78
N TRP A 274 9.88 12.59 26.65
CA TRP A 274 11.06 13.30 26.31
C TRP A 274 12.16 13.13 27.32
N GLU A 275 13.37 12.84 26.82
CA GLU A 275 14.53 12.31 27.62
C GLU A 275 14.17 11.21 28.57
N MET B 1 -15.37 12.75 -12.31
CA MET B 1 -14.53 11.69 -11.65
C MET B 1 -13.91 12.33 -10.40
N ILE B 2 -13.98 11.60 -9.30
CA ILE B 2 -13.24 11.98 -8.09
C ILE B 2 -11.73 11.79 -8.28
N GLN B 3 -10.97 12.71 -7.74
CA GLN B 3 -9.54 12.69 -7.80
C GLN B 3 -9.09 12.97 -6.39
N ARG B 4 -7.93 12.43 -6.02
CA ARG B 4 -7.40 12.59 -4.68
C ARG B 4 -5.96 12.98 -4.81
N THR B 5 -5.53 14.03 -4.02
CA THR B 5 -4.20 14.51 -4.17
C THR B 5 -3.18 13.74 -3.36
N PRO B 6 -1.96 13.60 -3.86
CA PRO B 6 -1.01 12.77 -3.07
C PRO B 6 -0.49 13.45 -1.77
N LYS B 7 -0.37 12.68 -0.71
CA LYS B 7 0.44 13.03 0.43
C LYS B 7 1.88 12.65 0.09
N ILE B 8 2.85 13.47 0.43
CA ILE B 8 4.20 13.23 0.05
C ILE B 8 5.09 13.25 1.28
N GLN B 9 5.91 12.24 1.41
CA GLN B 9 6.92 12.21 2.49
C GLN B 9 8.23 11.93 1.97
N VAL B 10 9.27 12.68 2.42
CA VAL B 10 10.61 12.51 1.99
C VAL B 10 11.50 12.19 3.17
N TYR B 11 12.25 11.14 3.12
CA TYR B 11 12.96 10.59 4.33
C TYR B 11 13.95 9.60 4.01
N SER B 12 14.79 9.20 4.99
CA SER B 12 15.80 8.21 4.69
C SER B 12 15.49 6.87 5.21
N ARG B 13 16.09 5.86 4.69
CA ARG B 13 15.77 4.46 5.09
C ARG B 13 16.22 4.26 6.55
N HIS B 14 17.45 4.72 6.83
CA HIS B 14 18.05 4.60 8.17
C HIS B 14 18.30 6.02 8.66
N PRO B 15 18.37 6.26 10.03
CA PRO B 15 18.57 7.62 10.50
C PRO B 15 19.88 8.18 9.86
N ALA B 16 19.86 9.43 9.49
CA ALA B 16 20.88 10.01 8.60
C ALA B 16 22.18 10.35 9.43
N GLU B 17 23.29 10.07 8.84
CA GLU B 17 24.63 10.37 9.43
C GLU B 17 25.44 10.90 8.26
N ASN B 18 25.84 12.19 8.32
CA ASN B 18 26.76 12.77 7.33
C ASN B 18 27.86 11.81 6.97
N GLY B 19 28.06 11.62 5.67
CA GLY B 19 29.16 10.83 5.09
C GLY B 19 28.94 9.36 5.07
N LYS B 20 27.78 8.90 5.58
CA LYS B 20 27.45 7.45 5.60
C LYS B 20 26.30 7.13 4.58
N SER B 21 26.52 6.08 3.81
CA SER B 21 25.65 5.73 2.70
C SER B 21 24.27 5.35 3.29
N ASN B 22 23.23 5.68 2.51
CA ASN B 22 21.86 5.57 3.03
C ASN B 22 20.97 5.51 1.78
N PHE B 23 19.66 5.50 1.98
CA PHE B 23 18.73 5.55 0.80
C PHE B 23 17.81 6.65 1.06
N LEU B 24 17.56 7.46 0.05
CA LEU B 24 16.63 8.58 0.11
C LEU B 24 15.26 8.11 -0.48
N ASN B 25 14.23 8.29 0.30
CA ASN B 25 12.88 7.84 -0.10
C ASN B 25 11.98 8.95 -0.32
N CYS B 26 11.08 8.81 -1.36
CA CYS B 26 10.02 9.71 -1.53
C CYS B 26 8.75 8.88 -1.64
N TYR B 27 7.92 8.96 -0.60
CA TYR B 27 6.67 8.09 -0.57
C TYR B 27 5.54 8.88 -0.90
N VAL B 28 4.82 8.53 -1.96
CA VAL B 28 3.61 9.24 -2.41
C VAL B 28 2.42 8.34 -2.15
N SER B 29 1.45 8.83 -1.43
CA SER B 29 0.30 7.97 -1.06
C SER B 29 -1.01 8.72 -1.14
N GLY B 30 -2.15 7.98 -1.07
CA GLY B 30 -3.43 8.58 -1.07
C GLY B 30 -3.95 9.24 -2.31
N PHE B 31 -3.35 8.97 -3.49
CA PHE B 31 -3.74 9.69 -4.65
C PHE B 31 -4.60 8.84 -5.61
N HIS B 32 -5.35 9.54 -6.47
CA HIS B 32 -6.20 8.87 -7.49
C HIS B 32 -6.48 9.94 -8.54
N PRO B 33 -6.26 9.67 -9.79
CA PRO B 33 -5.89 8.34 -10.40
C PRO B 33 -4.37 8.10 -10.36
N SER B 34 -3.89 6.97 -10.92
CA SER B 34 -2.64 6.51 -10.58
C SER B 34 -1.44 7.20 -11.32
N ASP B 35 -1.73 7.93 -12.39
CA ASP B 35 -0.59 8.57 -13.11
C ASP B 35 -0.01 9.65 -12.22
N ILE B 36 1.28 9.58 -12.03
CA ILE B 36 2.00 10.50 -11.16
C ILE B 36 3.46 10.65 -11.64
N GLU B 37 4.04 11.88 -11.46
CA GLU B 37 5.43 12.06 -11.87
C GLU B 37 6.23 12.36 -10.65
N VAL B 38 7.24 11.53 -10.40
CA VAL B 38 8.07 11.76 -9.16
C VAL B 38 9.53 11.87 -9.55
N ASP B 39 10.14 12.94 -9.06
CA ASP B 39 11.61 13.10 -9.19
C ASP B 39 12.22 13.31 -7.85
N LEU B 40 13.38 12.69 -7.66
CA LEU B 40 14.26 12.96 -6.51
C LEU B 40 15.30 14.00 -7.04
N LEU B 41 15.56 15.01 -6.21
CA LEU B 41 16.51 16.11 -6.60
C LEU B 41 17.70 16.10 -5.66
N LYS B 42 18.87 16.41 -6.20
CA LYS B 42 20.08 16.65 -5.38
C LYS B 42 20.58 18.05 -5.80
N ASN B 43 20.52 19.01 -4.88
CA ASN B 43 20.81 20.44 -5.16
C ASN B 43 20.05 20.97 -6.38
N GLY B 44 18.77 20.65 -6.45
CA GLY B 44 17.92 21.01 -7.59
C GLY B 44 18.07 20.19 -8.87
N GLU B 45 19.02 19.26 -8.96
CA GLU B 45 19.24 18.47 -10.12
C GLU B 45 18.53 17.12 -10.01
N ARG B 46 17.86 16.69 -11.08
CA ARG B 46 17.27 15.32 -11.10
C ARG B 46 18.28 14.21 -10.99
N ILE B 47 18.11 13.29 -10.02
CA ILE B 47 18.95 12.15 -9.90
C ILE B 47 18.50 11.06 -10.90
N GLU B 48 19.47 10.34 -11.52
CA GLU B 48 19.05 9.43 -12.68
C GLU B 48 18.76 8.00 -12.29
N LYS B 49 19.55 7.40 -11.40
CA LYS B 49 19.24 5.99 -11.18
C LYS B 49 18.22 5.85 -10.00
N VAL B 50 16.94 6.16 -10.29
CA VAL B 50 15.88 6.16 -9.20
C VAL B 50 14.98 5.00 -9.49
N GLU B 51 14.75 4.17 -8.48
CA GLU B 51 13.87 2.98 -8.62
C GLU B 51 12.55 3.28 -7.99
N HIS B 52 11.54 2.46 -8.29
CA HIS B 52 10.26 2.61 -7.59
C HIS B 52 9.59 1.34 -7.35
N SER B 53 8.71 1.32 -6.36
CA SER B 53 8.01 0.08 -6.03
C SER B 53 6.94 -0.22 -7.13
N ASP B 54 6.31 -1.40 -7.04
CA ASP B 54 5.25 -1.69 -7.99
C ASP B 54 3.95 -1.03 -7.50
N LEU B 55 3.19 -0.46 -8.45
CA LEU B 55 1.95 0.25 -8.11
C LEU B 55 0.99 -0.64 -7.34
N SER B 56 0.49 -0.11 -6.24
CA SER B 56 -0.46 -0.85 -5.41
C SER B 56 -1.35 0.23 -4.76
N PHE B 57 -2.28 -0.21 -3.91
CA PHE B 57 -3.21 0.77 -3.31
C PHE B 57 -3.69 0.22 -2.03
N SER B 58 -4.21 1.13 -1.20
CA SER B 58 -4.71 0.76 0.08
C SER B 58 -6.16 0.31 0.07
N LYS B 59 -6.68 -0.03 1.23
CA LYS B 59 -8.02 -0.55 1.31
C LYS B 59 -9.06 0.42 0.89
N ASP B 60 -8.79 1.79 1.01
CA ASP B 60 -9.68 2.75 0.48
C ASP B 60 -9.50 3.13 -1.03
N TRP B 61 -8.72 2.24 -1.79
CA TRP B 61 -8.50 2.31 -3.17
C TRP B 61 -7.45 3.35 -3.64
N SER B 62 -6.94 4.16 -2.69
CA SER B 62 -5.94 5.18 -3.13
C SER B 62 -4.59 4.57 -3.31
N PHE B 63 -3.87 5.10 -4.32
CA PHE B 63 -2.58 4.45 -4.74
C PHE B 63 -1.43 4.91 -3.88
N TYR B 64 -0.40 4.13 -3.91
CA TYR B 64 0.90 4.57 -3.28
C TYR B 64 2.03 3.99 -4.07
N LEU B 65 3.17 4.70 -4.01
CA LEU B 65 4.39 4.34 -4.66
C LEU B 65 5.57 4.82 -3.79
N LEU B 66 6.60 4.03 -3.72
CA LEU B 66 7.91 4.48 -3.11
C LEU B 66 8.94 4.65 -4.19
N TYR B 67 9.51 5.85 -4.28
CA TYR B 67 10.66 6.10 -5.16
C TYR B 67 11.89 6.23 -4.26
N TYR B 68 12.94 5.61 -4.69
CA TYR B 68 14.18 5.54 -3.76
C TYR B 68 15.45 5.52 -4.56
N THR B 69 16.52 6.00 -3.91
CA THR B 69 17.84 5.92 -4.53
C THR B 69 18.89 5.99 -3.38
N GLU B 70 20.01 5.38 -3.66
CA GLU B 70 21.12 5.45 -2.68
C GLU B 70 21.68 6.89 -2.64
N PHE B 71 22.05 7.36 -1.46
CA PHE B 71 22.64 8.66 -1.29
C PHE B 71 23.55 8.68 -0.06
N THR B 72 24.40 9.71 -0.04
CA THR B 72 25.25 9.98 1.14
C THR B 72 24.96 11.40 1.58
N PRO B 73 24.23 11.54 2.68
CA PRO B 73 23.92 12.85 3.19
C PRO B 73 25.25 13.49 3.60
N THR B 74 25.27 14.84 3.59
CA THR B 74 26.43 15.67 3.97
C THR B 74 25.79 16.96 4.50
N GLU B 75 26.59 17.79 5.18
CA GLU B 75 26.06 19.00 5.78
C GLU B 75 25.56 19.92 4.66
N LYS B 76 26.33 19.92 3.57
CA LYS B 76 26.13 20.83 2.44
C LYS B 76 24.88 20.42 1.57
N ASP B 77 24.95 19.27 0.91
CA ASP B 77 23.94 18.83 -0.07
C ASP B 77 22.48 18.98 0.38
N GLU B 78 21.63 19.48 -0.50
CA GLU B 78 20.20 19.51 -0.24
C GLU B 78 19.47 18.48 -1.11
N TYR B 79 18.51 17.79 -0.51
CA TYR B 79 17.71 16.78 -1.26
C TYR B 79 16.24 17.11 -1.18
N ALA B 80 15.48 16.62 -2.19
CA ALA B 80 14.13 16.90 -2.23
C ALA B 80 13.41 15.92 -3.19
N CYS B 81 12.13 15.98 -3.12
CA CYS B 81 11.19 15.22 -3.99
C CYS B 81 10.31 16.26 -4.68
N ARG B 82 10.17 16.12 -5.99
CA ARG B 82 9.25 16.96 -6.72
C ARG B 82 8.15 16.00 -7.35
N VAL B 83 6.93 16.39 -7.12
CA VAL B 83 5.75 15.55 -7.50
C VAL B 83 4.81 16.35 -8.37
N ASN B 84 4.36 15.76 -9.44
CA ASN B 84 3.24 16.29 -10.16
C ASN B 84 2.11 15.29 -10.35
N HIS B 85 0.90 15.78 -10.40
CA HIS B 85 -0.27 14.91 -10.48
C HIS B 85 -1.38 15.78 -11.07
N VAL B 86 -2.42 15.13 -11.60
CA VAL B 86 -3.49 15.87 -12.27
C VAL B 86 -4.13 16.81 -11.28
N THR B 87 -4.09 16.49 -9.98
CA THR B 87 -4.66 17.28 -8.93
C THR B 87 -3.83 18.54 -8.51
N LEU B 88 -2.66 18.66 -9.05
CA LEU B 88 -1.76 19.77 -8.64
C LEU B 88 -1.62 20.73 -9.83
N SER B 89 -1.80 22.04 -9.55
CA SER B 89 -1.58 23.15 -10.50
C SER B 89 -0.15 23.20 -11.06
N GLN B 90 0.83 22.98 -10.21
CA GLN B 90 2.24 22.95 -10.64
C GLN B 90 2.94 21.89 -9.77
N PRO B 91 4.10 21.40 -10.16
CA PRO B 91 4.84 20.44 -9.35
C PRO B 91 5.00 20.87 -7.94
N LYS B 92 4.91 19.91 -6.98
CA LYS B 92 5.07 20.19 -5.62
C LYS B 92 6.44 19.68 -5.20
N ILE B 93 7.17 20.51 -4.45
CA ILE B 93 8.51 20.20 -4.01
C ILE B 93 8.53 20.12 -2.51
N VAL B 94 8.93 18.94 -1.97
CA VAL B 94 9.07 18.78 -0.57
C VAL B 94 10.51 18.48 -0.27
N LYS B 95 11.12 19.34 0.58
CA LYS B 95 12.53 19.20 0.83
C LYS B 95 12.76 18.11 1.91
N TRP B 96 13.85 17.38 1.79
CA TRP B 96 14.27 16.45 2.80
C TRP B 96 14.70 17.16 4.12
N ASP B 97 14.00 16.88 5.23
CA ASP B 97 14.34 17.37 6.55
C ASP B 97 14.58 16.16 7.44
N ARG B 98 15.80 15.99 7.90
CA ARG B 98 16.23 14.77 8.60
C ARG B 98 15.44 14.54 9.92
N ASP B 99 14.66 15.52 10.34
CA ASP B 99 13.83 15.40 11.55
C ASP B 99 12.35 15.10 11.20
N MET B 100 12.08 14.71 9.93
CA MET B 100 10.70 14.26 9.61
C MET B 100 10.60 12.93 8.76
N ALA C 3 -2.91 -22.43 -8.02
CA ALA C 3 -2.19 -21.15 -8.21
C ALA C 3 -2.68 -20.29 -7.11
N ALA C 4 -1.82 -19.32 -6.61
CA ALA C 4 -2.51 -18.44 -5.66
C ALA C 4 -3.44 -17.42 -6.38
N ALA C 5 -3.17 -17.07 -7.67
CA ALA C 5 -4.05 -16.11 -8.37
C ALA C 5 -5.41 -16.73 -8.66
N LYS C 6 -6.41 -15.89 -8.72
CA LYS C 6 -7.77 -16.26 -8.96
C LYS C 6 -8.17 -15.93 -10.37
N LYS C 7 -8.91 -16.86 -11.00
CA LYS C 7 -9.50 -16.53 -12.28
C LYS C 7 -10.60 -15.44 -12.10
N LYS C 8 -10.48 -14.40 -12.89
CA LYS C 8 -11.48 -13.31 -12.77
C LYS C 8 -12.61 -13.42 -13.79
N TYR C 9 -13.70 -12.73 -13.55
CA TYR C 9 -14.86 -12.73 -14.43
C TYR C 9 -15.09 -11.39 -14.98
N CYS C 10 -15.51 -11.29 -16.27
CA CYS C 10 -15.82 -9.96 -16.88
C CYS C 10 -17.01 -9.30 -16.16
N LEU C 11 -16.85 -8.04 -15.72
CA LEU C 11 -17.90 -7.26 -15.12
C LEU C 11 -19.01 -6.89 -16.16
#